data_8T0I
#
_entry.id   8T0I
#
_entity_poly.entity_id   1
_entity_poly.type   'polypeptide(L)'
_entity_poly.pdbx_seq_one_letter_code
;GEWAYNPATGKF(X6E)WTE(NH2)
;
_entity_poly.pdbx_strand_id   A
#
# COMPACT_ATOMS: atom_id res chain seq x y z
N GLY A 1 -4.30 -9.24 -0.50
CA GLY A 1 -3.36 -9.76 -1.51
C GLY A 1 -3.58 -9.11 -2.87
N GLU A 2 -3.40 -7.81 -2.94
CA GLU A 2 -3.71 -7.04 -4.13
C GLU A 2 -2.57 -6.10 -4.53
N TRP A 3 -1.58 -5.97 -3.65
CA TRP A 3 -0.48 -5.00 -3.83
C TRP A 3 -1.02 -3.57 -3.81
N ALA A 4 -1.40 -3.12 -2.63
CA ALA A 4 -1.92 -1.77 -2.46
C ALA A 4 -0.79 -0.81 -2.12
N TYR A 5 -0.98 0.47 -2.43
CA TYR A 5 0.04 1.47 -2.21
C TYR A 5 -0.41 2.46 -1.15
N ASN A 6 0.47 2.79 -0.22
CA ASN A 6 0.17 3.78 0.79
C ASN A 6 0.88 5.09 0.47
N PRO A 7 0.15 6.07 -0.10
CA PRO A 7 0.73 7.33 -0.57
C PRO A 7 1.14 8.27 0.57
N ALA A 8 1.05 7.78 1.79
CA ALA A 8 1.46 8.56 2.96
C ALA A 8 2.85 8.16 3.41
N THR A 9 3.32 7.02 2.93
CA THR A 9 4.63 6.52 3.31
C THR A 9 5.48 6.21 2.08
N GLY A 10 4.83 5.92 0.96
CA GLY A 10 5.54 5.65 -0.27
C GLY A 10 5.91 4.19 -0.42
N LYS A 11 5.21 3.33 0.29
CA LYS A 11 5.51 1.90 0.27
C LYS A 11 4.26 1.10 -0.14
N PHE A 12 4.50 -0.07 -0.69
CA PHE A 12 3.42 -1.01 -1.01
C PHE A 12 3.17 -1.93 0.16
N TRP A 14 -0.34 -4.90 1.68
CA TRP A 14 -1.63 -5.51 1.40
C TRP A 14 -2.72 -4.69 2.06
N THR A 15 -3.89 -5.28 2.24
CA THR A 15 -4.98 -4.62 2.94
C THR A 15 -5.14 -5.19 4.35
N GLU A 16 -4.01 -5.55 4.95
CA GLU A 16 -4.00 -6.15 6.27
C GLU A 16 -3.96 -5.07 7.35
N GLY A 1 -5.62 -5.43 -0.19
CA GLY A 1 -5.12 -5.99 -1.47
C GLY A 1 -3.84 -6.77 -1.27
N GLU A 2 -3.19 -7.14 -2.36
CA GLU A 2 -1.93 -7.86 -2.27
C GLU A 2 -0.76 -6.92 -2.57
N TRP A 3 -1.02 -5.95 -3.42
CA TRP A 3 -0.02 -4.94 -3.78
C TRP A 3 -0.65 -3.56 -3.77
N ALA A 4 -1.11 -3.14 -2.59
CA ALA A 4 -1.72 -1.83 -2.44
C ALA A 4 -0.66 -0.79 -2.09
N TYR A 5 -0.90 0.45 -2.46
CA TYR A 5 0.06 1.51 -2.24
C TYR A 5 -0.45 2.49 -1.19
N ASN A 6 0.40 2.80 -0.21
CA ASN A 6 0.08 3.82 0.78
C ASN A 6 0.82 5.11 0.44
N PRO A 7 0.11 6.11 -0.09
CA PRO A 7 0.72 7.35 -0.58
C PRO A 7 1.30 8.23 0.53
N ALA A 8 1.12 7.81 1.78
CA ALA A 8 1.66 8.56 2.91
C ALA A 8 3.08 8.12 3.22
N THR A 9 3.31 6.80 3.20
CA THR A 9 4.62 6.25 3.47
C THR A 9 5.43 6.07 2.19
N GLY A 10 4.71 5.93 1.08
CA GLY A 10 5.36 5.74 -0.20
C GLY A 10 5.77 4.30 -0.41
N LYS A 11 5.04 3.38 0.21
CA LYS A 11 5.41 1.98 0.18
C LYS A 11 4.20 1.10 -0.17
N PHE A 12 4.47 -0.10 -0.64
CA PHE A 12 3.41 -1.06 -0.97
C PHE A 12 3.21 -2.01 0.20
N TRP A 14 -0.25 -4.94 1.94
CA TRP A 14 -1.57 -5.53 1.77
C TRP A 14 -2.64 -4.48 2.01
N THR A 15 -2.62 -3.91 3.21
CA THR A 15 -3.55 -2.86 3.59
C THR A 15 -3.07 -2.23 4.90
N GLU A 16 -1.79 -2.40 5.16
CA GLU A 16 -1.20 -1.96 6.42
C GLU A 16 -0.52 -0.61 6.24
N GLY A 1 -7.51 -4.33 -6.13
CA GLY A 1 -6.60 -5.04 -7.06
C GLY A 1 -5.72 -6.02 -6.31
N GLU A 2 -4.57 -6.34 -6.88
CA GLU A 2 -3.65 -7.30 -6.28
C GLU A 2 -2.76 -6.61 -5.26
N TRP A 3 -2.07 -5.57 -5.71
CA TRP A 3 -1.12 -4.86 -4.87
C TRP A 3 -1.72 -3.53 -4.40
N ALA A 4 -1.40 -3.14 -3.18
CA ALA A 4 -1.91 -1.90 -2.63
C ALA A 4 -0.77 -0.93 -2.35
N TYR A 5 -1.07 0.36 -2.34
CA TYR A 5 -0.06 1.37 -2.15
C TYR A 5 -0.47 2.35 -1.05
N ASN A 6 0.49 2.77 -0.25
CA ASN A 6 0.25 3.76 0.79
C ASN A 6 0.97 5.05 0.42
N PRO A 7 0.23 6.06 -0.07
CA PRO A 7 0.81 7.32 -0.53
C PRO A 7 1.31 8.23 0.61
N ALA A 8 1.04 7.83 1.85
CA ALA A 8 1.48 8.60 3.00
C ALA A 8 2.92 8.31 3.32
N THR A 9 3.37 7.10 2.97
CA THR A 9 4.73 6.69 3.23
C THR A 9 5.50 6.51 1.93
N GLY A 10 4.82 5.95 0.92
CA GLY A 10 5.46 5.66 -0.33
C GLY A 10 5.79 4.19 -0.45
N LYS A 11 5.17 3.38 0.39
CA LYS A 11 5.45 1.95 0.44
C LYS A 11 4.23 1.16 -0.07
N PHE A 12 4.49 -0.03 -0.61
CA PHE A 12 3.45 -0.90 -1.08
C PHE A 12 3.06 -1.91 0.00
N TRP A 14 -0.23 -5.44 0.55
CA TRP A 14 -1.29 -6.22 -0.06
C TRP A 14 -2.66 -5.68 0.34
N THR A 15 -2.93 -5.64 1.63
CA THR A 15 -4.19 -5.14 2.13
C THR A 15 -3.97 -4.27 3.36
N GLU A 16 -4.20 -2.98 3.21
CA GLU A 16 -3.97 -2.03 4.28
C GLU A 16 -4.96 -0.88 4.19
N GLY A 1 -7.16 -5.55 -6.19
CA GLY A 1 -6.34 -6.69 -5.72
C GLY A 1 -5.91 -6.52 -4.27
N GLU A 2 -5.15 -7.49 -3.76
CA GLU A 2 -4.68 -7.44 -2.38
C GLU A 2 -3.58 -6.40 -2.22
N TRP A 3 -2.72 -6.33 -3.22
CA TRP A 3 -1.62 -5.37 -3.20
C TRP A 3 -2.14 -3.94 -3.29
N ALA A 4 -1.70 -3.11 -2.36
CA ALA A 4 -2.11 -1.72 -2.31
C ALA A 4 -0.90 -0.83 -2.07
N TYR A 5 -1.03 0.43 -2.45
CA TYR A 5 0.04 1.39 -2.25
C TYR A 5 -0.40 2.44 -1.24
N ASN A 6 0.46 2.75 -0.29
CA ASN A 6 0.16 3.78 0.70
C ASN A 6 0.91 5.06 0.35
N PRO A 7 0.19 6.08 -0.15
CA PRO A 7 0.80 7.34 -0.57
C PRO A 7 1.35 8.18 0.58
N ALA A 8 1.03 7.78 1.80
CA ALA A 8 1.47 8.52 2.98
C ALA A 8 2.84 8.03 3.44
N THR A 9 3.20 6.83 3.04
CA THR A 9 4.48 6.25 3.41
C THR A 9 5.39 6.10 2.19
N GLY A 10 4.78 5.94 1.03
CA GLY A 10 5.53 5.77 -0.20
C GLY A 10 5.96 4.33 -0.40
N LYS A 11 5.18 3.41 0.17
CA LYS A 11 5.53 2.01 0.15
C LYS A 11 4.30 1.15 -0.18
N PHE A 12 4.55 -0.07 -0.65
CA PHE A 12 3.49 -1.01 -0.94
C PHE A 12 3.19 -1.86 0.29
N TRP A 14 -0.42 -4.64 1.92
CA TRP A 14 -1.69 -5.28 1.63
C TRP A 14 -2.82 -4.30 1.86
N THR A 15 -3.97 -4.54 1.25
CA THR A 15 -5.12 -3.66 1.45
C THR A 15 -5.54 -3.72 2.92
N GLU A 16 -5.97 -4.89 3.36
CA GLU A 16 -6.33 -5.12 4.75
C GLU A 16 -5.98 -6.55 5.15
N GLY A 1 -4.10 -10.96 -4.85
CA GLY A 1 -2.92 -10.07 -5.01
C GLY A 1 -3.21 -8.64 -4.60
N GLU A 2 -3.40 -8.44 -3.30
CA GLU A 2 -3.73 -7.12 -2.76
C GLU A 2 -2.49 -6.24 -2.63
N TRP A 3 -1.85 -5.97 -3.76
CA TRP A 3 -0.68 -5.11 -3.78
C TRP A 3 -1.11 -3.65 -3.71
N ALA A 4 -1.39 -3.19 -2.50
CA ALA A 4 -1.88 -1.85 -2.27
C ALA A 4 -0.73 -0.87 -2.05
N TYR A 5 -0.99 0.39 -2.32
CA TYR A 5 0.01 1.43 -2.15
C TYR A 5 -0.46 2.46 -1.13
N ASN A 6 0.41 2.79 -0.19
CA ASN A 6 0.13 3.85 0.77
C ASN A 6 0.94 5.08 0.39
N PRO A 7 0.29 6.11 -0.16
CA PRO A 7 0.97 7.32 -0.63
C PRO A 7 1.50 8.20 0.51
N ALA A 8 1.08 7.89 1.73
CA ALA A 8 1.51 8.67 2.89
C ALA A 8 2.87 8.18 3.39
N THR A 9 3.17 6.92 3.08
CA THR A 9 4.45 6.33 3.48
C THR A 9 5.34 6.09 2.26
N GLY A 10 4.70 5.96 1.10
CA GLY A 10 5.42 5.71 -0.13
C GLY A 10 5.79 4.24 -0.28
N LYS A 11 4.96 3.37 0.30
CA LYS A 11 5.28 1.95 0.35
C LYS A 11 4.13 1.09 -0.16
N PHE A 12 4.48 -0.01 -0.83
CA PHE A 12 3.51 -1.02 -1.24
C PHE A 12 3.42 -2.08 -0.14
N TRP A 14 0.20 -5.14 1.78
CA TRP A 14 -1.11 -5.75 1.72
C TRP A 14 -2.13 -4.91 2.49
N THR A 15 -1.83 -4.65 3.75
CA THR A 15 -2.73 -3.89 4.62
C THR A 15 -1.96 -2.91 5.49
N GLU A 16 -2.61 -2.39 6.54
CA GLU A 16 -1.96 -1.47 7.45
C GLU A 16 -1.21 -2.23 8.54
N GLY A 1 -8.74 -5.64 -4.48
CA GLY A 1 -7.48 -6.03 -5.15
C GLY A 1 -6.57 -6.83 -4.24
N GLU A 2 -5.46 -7.28 -4.76
CA GLU A 2 -4.49 -8.05 -3.97
C GLU A 2 -3.52 -7.10 -3.27
N TRP A 3 -2.84 -6.29 -4.06
CA TRP A 3 -1.83 -5.38 -3.55
C TRP A 3 -2.39 -3.97 -3.40
N ALA A 4 -1.68 -3.15 -2.64
CA ALA A 4 -2.08 -1.76 -2.43
C ALA A 4 -0.85 -0.89 -2.21
N TYR A 5 -1.02 0.40 -2.37
CA TYR A 5 0.07 1.35 -2.20
C TYR A 5 -0.36 2.43 -1.21
N ASN A 6 0.51 2.75 -0.27
CA ASN A 6 0.21 3.78 0.71
C ASN A 6 0.88 5.09 0.31
N PRO A 7 0.09 6.10 -0.09
CA PRO A 7 0.63 7.38 -0.58
C PRO A 7 1.21 8.26 0.52
N ALA A 8 1.15 7.80 1.76
CA ALA A 8 1.68 8.56 2.87
C ALA A 8 3.08 8.07 3.23
N THR A 9 3.25 6.76 3.25
CA THR A 9 4.55 6.18 3.53
C THR A 9 5.39 6.07 2.27
N GLY A 10 4.70 5.90 1.14
CA GLY A 10 5.37 5.77 -0.13
C GLY A 10 5.82 4.35 -0.37
N LYS A 11 5.13 3.40 0.25
CA LYS A 11 5.52 2.00 0.20
C LYS A 11 4.31 1.14 -0.14
N PHE A 12 4.57 -0.07 -0.64
CA PHE A 12 3.52 -1.01 -0.99
C PHE A 12 3.12 -1.84 0.21
N TRP A 14 -0.63 -4.70 1.41
CA TRP A 14 -1.77 -5.45 0.94
C TRP A 14 -3.04 -4.59 0.95
N THR A 15 -3.12 -3.74 1.95
CA THR A 15 -4.28 -2.87 2.10
C THR A 15 -3.97 -1.77 3.10
N GLU A 16 -4.66 -0.64 2.99
CA GLU A 16 -4.41 0.51 3.85
C GLU A 16 -5.37 0.52 5.04
N GLY A 1 -8.90 -7.22 -4.55
CA GLY A 1 -7.99 -6.18 -3.99
C GLY A 1 -6.89 -6.78 -3.14
N GLU A 2 -5.81 -7.20 -3.79
CA GLU A 2 -4.70 -7.81 -3.07
C GLU A 2 -3.66 -6.75 -2.71
N TRP A 3 -3.02 -6.21 -3.73
CA TRP A 3 -1.94 -5.24 -3.53
C TRP A 3 -2.49 -3.84 -3.29
N ALA A 4 -1.73 -3.03 -2.60
CA ALA A 4 -2.12 -1.66 -2.32
C ALA A 4 -0.88 -0.78 -2.16
N TYR A 5 -1.05 0.49 -2.50
CA TYR A 5 0.02 1.46 -2.34
C TYR A 5 -0.35 2.46 -1.26
N ASN A 6 0.60 2.72 -0.37
CA ASN A 6 0.41 3.67 0.72
C ASN A 6 1.04 5.01 0.35
N PRO A 7 0.24 5.99 -0.08
CA PRO A 7 0.75 7.30 -0.51
C PRO A 7 1.16 8.18 0.66
N ALA A 8 1.05 7.65 1.87
CA ALA A 8 1.43 8.41 3.06
C ALA A 8 2.94 8.36 3.26
N THR A 9 3.54 7.20 3.02
CA THR A 9 4.97 7.07 3.17
C THR A 9 5.64 6.50 1.91
N GLY A 10 4.82 6.20 0.90
CA GLY A 10 5.35 5.68 -0.35
C GLY A 10 5.81 4.24 -0.22
N LYS A 11 4.90 3.38 0.21
CA LYS A 11 5.24 2.00 0.49
C LYS A 11 4.16 1.06 -0.07
N PHE A 12 4.57 -0.10 -0.56
CA PHE A 12 3.61 -1.10 -1.04
C PHE A 12 3.27 -2.07 0.07
N TRP A 14 -0.49 -4.87 1.34
CA TRP A 14 -1.73 -5.51 0.95
C TRP A 14 -2.92 -4.69 1.42
N THR A 15 -4.11 -5.08 1.00
CA THR A 15 -5.33 -4.41 1.39
C THR A 15 -6.46 -5.43 1.60
N GLU A 16 -6.13 -6.49 2.33
CA GLU A 16 -7.07 -7.57 2.64
C GLU A 16 -7.53 -8.26 1.36
N GLY A 1 -8.21 -5.56 -4.64
CA GLY A 1 -6.78 -5.21 -4.84
C GLY A 1 -5.86 -6.20 -4.15
N GLU A 2 -5.01 -6.84 -4.93
CA GLU A 2 -4.03 -7.77 -4.38
C GLU A 2 -2.86 -6.99 -3.81
N TRP A 3 -2.46 -5.96 -4.53
CA TRP A 3 -1.36 -5.09 -4.11
C TRP A 3 -1.87 -3.67 -3.90
N ALA A 4 -1.57 -3.13 -2.74
CA ALA A 4 -2.02 -1.79 -2.40
C ALA A 4 -0.82 -0.88 -2.17
N TYR A 5 -1.02 0.41 -2.39
CA TYR A 5 0.03 1.39 -2.22
C TYR A 5 -0.40 2.44 -1.21
N ASN A 6 0.46 2.72 -0.24
CA ASN A 6 0.18 3.74 0.76
C ASN A 6 0.94 5.01 0.42
N PRO A 7 0.24 6.03 -0.10
CA PRO A 7 0.87 7.27 -0.57
C PRO A 7 1.38 8.15 0.58
N ALA A 8 1.05 7.79 1.81
CA ALA A 8 1.48 8.56 2.96
C ALA A 8 2.93 8.25 3.31
N THR A 9 3.33 7.00 3.09
CA THR A 9 4.69 6.57 3.39
C THR A 9 5.49 6.31 2.12
N GLY A 10 4.77 6.06 1.03
CA GLY A 10 5.42 5.75 -0.22
C GLY A 10 5.88 4.30 -0.28
N LYS A 11 5.02 3.40 0.19
CA LYS A 11 5.38 2.00 0.29
C LYS A 11 4.21 1.12 -0.13
N PHE A 12 4.52 -0.05 -0.67
CA PHE A 12 3.50 -1.01 -1.07
C PHE A 12 3.15 -1.93 0.09
N TRP A 14 -0.26 -5.29 0.98
CA TRP A 14 -1.33 -6.09 0.42
C TRP A 14 -2.67 -5.37 0.51
N THR A 15 -2.77 -4.49 1.51
CA THR A 15 -4.00 -3.75 1.73
C THR A 15 -3.81 -2.70 2.83
N GLU A 16 -3.10 -3.08 3.89
CA GLU A 16 -2.87 -2.19 5.01
C GLU A 16 -1.42 -1.69 5.01
N GLY A 1 -3.05 -12.26 -2.83
CA GLY A 1 -2.94 -11.03 -1.99
C GLY A 1 -3.44 -9.81 -2.70
N GLU A 2 -3.86 -8.81 -1.93
CA GLU A 2 -4.41 -7.58 -2.50
C GLU A 2 -3.31 -6.70 -3.09
N TRP A 3 -2.32 -6.35 -2.27
CA TRP A 3 -1.23 -5.46 -2.68
C TRP A 3 -1.76 -4.05 -2.99
N ALA A 4 -1.53 -3.14 -2.06
CA ALA A 4 -1.99 -1.77 -2.21
C ALA A 4 -0.85 -0.79 -1.97
N TYR A 5 -0.96 0.39 -2.56
CA TYR A 5 0.06 1.42 -2.39
C TYR A 5 -0.41 2.44 -1.36
N ASN A 6 0.43 2.73 -0.39
CA ASN A 6 0.12 3.71 0.63
C ASN A 6 0.93 4.98 0.38
N PRO A 7 0.31 6.01 -0.20
CA PRO A 7 0.99 7.26 -0.56
C PRO A 7 1.63 7.97 0.63
N ALA A 8 1.07 7.76 1.82
CA ALA A 8 1.54 8.44 3.02
C ALA A 8 2.93 7.96 3.42
N THR A 9 3.20 6.68 3.18
CA THR A 9 4.50 6.11 3.50
C THR A 9 5.34 5.97 2.24
N GLY A 10 4.67 6.00 1.09
CA GLY A 10 5.35 5.91 -0.18
C GLY A 10 5.75 4.48 -0.51
N LYS A 11 5.09 3.52 0.12
CA LYS A 11 5.47 2.12 -0.03
C LYS A 11 4.23 1.25 -0.25
N PHE A 12 4.45 -0.01 -0.58
CA PHE A 12 3.37 -0.96 -0.77
C PHE A 12 3.14 -1.74 0.52
N TRP A 14 -0.61 -3.93 2.68
CA TRP A 14 -1.99 -4.39 2.54
C TRP A 14 -2.96 -3.26 2.90
N THR A 15 -3.04 -2.96 4.18
CA THR A 15 -3.94 -1.94 4.68
C THR A 15 -3.37 -1.32 5.95
N GLU A 16 -2.06 -1.46 6.11
CA GLU A 16 -1.36 -0.97 7.28
C GLU A 16 0.08 -0.66 6.92
N GLY A 1 -4.41 -11.54 -2.34
CA GLY A 1 -3.28 -10.60 -2.20
C GLY A 1 -3.67 -9.19 -2.56
N GLU A 2 -3.73 -8.32 -1.57
CA GLU A 2 -4.11 -6.93 -1.77
C GLU A 2 -3.07 -6.20 -2.63
N TRP A 3 -1.85 -6.09 -2.13
CA TRP A 3 -0.79 -5.35 -2.81
C TRP A 3 -1.21 -3.90 -3.06
N ALA A 4 -1.47 -3.19 -1.98
CA ALA A 4 -1.91 -1.80 -2.07
C ALA A 4 -0.73 -0.87 -1.87
N TYR A 5 -0.83 0.33 -2.44
CA TYR A 5 0.20 1.34 -2.30
C TYR A 5 -0.32 2.49 -1.47
N ASN A 6 0.42 2.89 -0.44
CA ASN A 6 -0.02 4.00 0.39
C ASN A 6 0.92 5.18 0.22
N PRO A 7 0.40 6.31 -0.30
CA PRO A 7 1.19 7.53 -0.47
C PRO A 7 1.43 8.26 0.85
N ALA A 8 1.04 7.62 1.96
CA ALA A 8 1.28 8.14 3.28
C ALA A 8 2.77 8.05 3.62
N THR A 9 3.44 7.07 3.03
CA THR A 9 4.88 6.93 3.19
C THR A 9 5.53 6.58 1.85
N GLY A 10 4.72 6.11 0.90
CA GLY A 10 5.24 5.74 -0.41
C GLY A 10 5.75 4.32 -0.42
N LYS A 11 4.90 3.38 -0.03
CA LYS A 11 5.30 1.98 0.08
C LYS A 11 4.14 1.06 -0.24
N PHE A 12 4.46 -0.18 -0.62
CA PHE A 12 3.45 -1.20 -0.84
C PHE A 12 3.25 -2.01 0.42
N TRP A 14 -0.28 -4.63 2.48
CA TRP A 14 -1.63 -5.14 2.36
C TRP A 14 -2.62 -4.15 2.97
N THR A 15 -2.70 -4.15 4.29
CA THR A 15 -3.55 -3.22 5.02
C THR A 15 -2.73 -2.56 6.13
N GLU A 16 -2.25 -3.39 7.04
CA GLU A 16 -1.37 -2.96 8.13
C GLU A 16 -2.06 -1.94 9.01
#